data_8YP8
#
_entry.id   8YP8
#
_cell.length_a   81.960
_cell.length_b   81.960
_cell.length_c   122.400
_cell.angle_alpha   90.000
_cell.angle_beta   90.000
_cell.angle_gamma   120.000
#
_symmetry.space_group_name_H-M   'P 31 2 1'
#
loop_
_entity.id
_entity.type
_entity.pdbx_description
1 polymer 'Mitogen-activated protein kinase 14'
2 polymer 'Tyrosine-protein phosphatase non-receptor type 7'
3 water water
#
loop_
_entity_poly.entity_id
_entity_poly.type
_entity_poly.pdbx_seq_one_letter_code
_entity_poly.pdbx_strand_id
1 'polypeptide(L)'
;GSSHHHHHHSSGLVPRGSHMSQERPTFYRQELNKTIWEVPERYQNLSPVGSGAYGSVCAAFDTKTGHRVAVKKLSRPFQS
IIHAKRTYRELRLLKHMKHENVIGLLDVFTPARSLEEFNDVYLVTHLMGADLNNIVKCQKLTDDHVQFLIYQILRGLKYI
HSADIIHRDLKPSNLAVNEDCELKILDFGLARHTDDEMTGYVATRWYRAPEIMLNWMHYNQTVDIWSVGCIMAELLTGRT
LFPGTDHIDQLKLILRLVGTPGAELLKKISSESARNYIQSLAQMPKMNFANVFIGANPLAVDLLEKMLVLDSDKRITAAQ
ALAHAYFAQYHDPDDEPVADPYDQSFESRDLLIDEWKSLTYDEVISFVPPPLDQEEMES
;
A
2 'polypeptide(L)' RLQERRGSNVALMLDC B
#
# COMPACT_ATOMS: atom_id res chain seq x y z
N HIS A 19 -7.08 -20.41 27.27
CA HIS A 19 -8.56 -20.75 27.24
C HIS A 19 -9.09 -20.60 25.82
N MET A 20 -9.46 -21.72 25.17
CA MET A 20 -10.00 -21.78 23.78
C MET A 20 -8.95 -21.26 22.79
N SER A 21 -7.67 -21.35 23.18
CA SER A 21 -6.50 -21.03 22.32
C SER A 21 -6.32 -22.16 21.31
N GLN A 22 -5.93 -21.81 20.08
CA GLN A 22 -5.68 -22.73 18.94
C GLN A 22 -4.67 -23.80 19.40
N GLU A 23 -4.87 -25.05 18.94
CA GLU A 23 -3.91 -26.16 19.14
C GLU A 23 -2.58 -25.79 18.49
N ARG A 24 -1.47 -25.97 19.20
CA ARG A 24 -0.14 -25.56 18.71
C ARG A 24 0.29 -26.54 17.63
N PRO A 25 0.59 -26.07 16.39
CA PRO A 25 1.08 -26.95 15.35
C PRO A 25 2.43 -27.54 15.77
N THR A 26 2.86 -28.57 15.05
CA THR A 26 4.25 -29.05 15.05
C THR A 26 5.08 -28.10 14.20
N PHE A 27 6.19 -27.62 14.76
CA PHE A 27 7.14 -26.68 14.13
C PHE A 27 8.36 -27.52 13.71
N TYR A 28 9.12 -27.02 12.75
CA TYR A 28 10.42 -27.59 12.34
C TYR A 28 11.35 -26.42 12.12
N ARG A 29 12.64 -26.64 12.31
CA ARG A 29 13.64 -25.56 12.22
C ARG A 29 14.53 -25.79 11.02
N GLN A 30 14.84 -24.72 10.31
CA GLN A 30 15.77 -24.76 9.17
C GLN A 30 16.56 -23.46 9.22
N GLU A 31 17.81 -23.48 8.77
CA GLU A 31 18.54 -22.21 8.68
C GLU A 31 18.49 -21.78 7.23
N LEU A 32 17.85 -20.67 6.95
CA LEU A 32 17.83 -20.15 5.56
C LEU A 32 18.65 -18.88 5.58
N ASN A 33 19.75 -18.87 4.84
CA ASN A 33 20.70 -17.72 4.86
C ASN A 33 21.15 -17.48 6.31
N LYS A 34 20.95 -16.27 6.82
CA LYS A 34 21.46 -15.80 8.13
C LYS A 34 20.85 -16.48 9.35
N THR A 35 19.54 -16.75 9.39
CA THR A 35 18.90 -17.07 10.69
C THR A 35 18.03 -18.34 10.71
N ILE A 36 17.81 -18.85 11.92
CA ILE A 36 16.98 -20.06 12.14
C ILE A 36 15.50 -19.71 11.96
N TRP A 37 14.84 -20.37 11.02
CA TRP A 37 13.38 -20.27 10.80
C TRP A 37 12.72 -21.46 11.47
N GLU A 38 11.76 -21.19 12.33
CA GLU A 38 10.99 -22.22 13.05
C GLU A 38 9.53 -21.92 12.72
N VAL A 39 8.93 -22.72 11.86
CA VAL A 39 7.57 -22.51 11.32
C VAL A 39 6.78 -23.80 11.45
N PRO A 40 5.43 -23.74 11.50
CA PRO A 40 4.59 -24.92 11.44
C PRO A 40 4.87 -25.78 10.20
N GLU A 41 4.68 -27.10 10.30
CA GLU A 41 4.93 -28.00 9.15
C GLU A 41 3.93 -27.69 8.01
N ARG A 42 2.83 -27.03 8.33
CA ARG A 42 1.90 -26.49 7.31
C ARG A 42 2.69 -25.79 6.19
N TYR A 43 3.76 -25.06 6.50
CA TYR A 43 4.53 -24.24 5.53
C TYR A 43 5.77 -24.99 5.03
N GLN A 44 5.83 -25.19 3.71
CA GLN A 44 6.83 -26.12 3.09
C GLN A 44 7.56 -25.42 1.95
N ASN A 45 8.77 -25.90 1.66
CA ASN A 45 9.58 -25.46 0.51
C ASN A 45 9.80 -23.94 0.64
N LEU A 46 10.21 -23.50 1.82
CA LEU A 46 10.57 -22.09 2.05
C LEU A 46 11.76 -21.72 1.16
N SER A 47 11.69 -20.53 0.58
CA SER A 47 12.72 -20.01 -0.35
C SER A 47 12.92 -18.52 -0.11
N PRO A 48 14.15 -18.06 0.21
CA PRO A 48 14.41 -16.63 0.40
C PRO A 48 13.92 -15.78 -0.76
N VAL A 49 13.28 -14.66 -0.45
CA VAL A 49 12.78 -13.69 -1.47
C VAL A 49 13.34 -12.32 -1.10
N GLY A 50 14.30 -12.26 -0.17
CA GLY A 50 15.04 -11.02 0.16
C GLY A 50 14.76 -10.50 1.55
N SER A 51 15.69 -9.68 2.06
CA SER A 51 15.71 -9.15 3.45
C SER A 51 15.56 -7.62 3.44
N GLY A 52 14.57 -7.10 4.17
CA GLY A 52 14.37 -5.66 4.44
C GLY A 52 15.10 -5.25 5.71
N ALA A 53 14.89 -4.00 6.16
CA ALA A 53 15.56 -3.42 7.35
C ALA A 53 14.96 -4.00 8.64
N TYR A 54 13.68 -4.39 8.63
CA TYR A 54 12.92 -4.77 9.84
C TYR A 54 12.67 -6.28 9.88
N GLY A 55 12.92 -6.97 8.77
CA GLY A 55 12.54 -8.38 8.64
C GLY A 55 13.10 -9.05 7.40
N SER A 56 12.96 -10.37 7.36
CA SER A 56 13.42 -11.29 6.29
C SER A 56 12.20 -12.02 5.75
N VAL A 57 12.09 -12.18 4.43
CA VAL A 57 10.90 -12.77 3.76
C VAL A 57 11.29 -14.01 2.95
N CYS A 58 10.55 -15.10 3.16
CA CYS A 58 10.58 -16.31 2.30
C CYS A 58 9.22 -16.54 1.66
N ALA A 59 9.21 -17.07 0.45
CA ALA A 59 8.03 -17.67 -0.20
C ALA A 59 7.88 -19.08 0.33
N ALA A 60 6.65 -19.55 0.51
CA ALA A 60 6.42 -20.92 1.03
C ALA A 60 5.16 -21.45 0.38
N PHE A 61 5.01 -22.76 0.42
CA PHE A 61 3.76 -23.46 0.04
C PHE A 61 2.94 -23.70 1.32
N ASP A 62 1.77 -23.11 1.37
CA ASP A 62 0.80 -23.29 2.47
C ASP A 62 -0.04 -24.53 2.12
N THR A 63 0.32 -25.65 2.73
CA THR A 63 -0.34 -26.96 2.50
C THR A 63 -1.77 -26.90 3.03
N LYS A 64 -2.12 -25.95 3.89
CA LYS A 64 -3.52 -25.89 4.37
C LYS A 64 -4.45 -25.27 3.29
N THR A 65 -3.99 -24.27 2.55
CA THR A 65 -4.84 -23.51 1.57
C THR A 65 -4.46 -23.93 0.14
N GLY A 66 -3.30 -24.55 -0.04
CA GLY A 66 -2.81 -24.92 -1.38
C GLY A 66 -2.26 -23.73 -2.13
N HIS A 67 -1.93 -22.63 -1.47
CA HIS A 67 -1.42 -21.40 -2.14
C HIS A 67 0.03 -21.19 -1.72
N ARG A 68 0.78 -20.47 -2.56
CA ARG A 68 2.13 -19.98 -2.19
C ARG A 68 1.88 -18.71 -1.39
N VAL A 69 2.68 -18.44 -0.36
CA VAL A 69 2.43 -17.30 0.55
C VAL A 69 3.78 -16.68 0.81
N ALA A 70 3.76 -15.44 1.29
CA ALA A 70 4.95 -14.80 1.87
C ALA A 70 4.90 -15.03 3.38
N VAL A 71 6.05 -15.43 3.93
CA VAL A 71 6.29 -15.62 5.39
C VAL A 71 7.40 -14.64 5.76
N LYS A 72 7.05 -13.63 6.56
CA LYS A 72 8.03 -12.63 7.05
C LYS A 72 8.41 -12.97 8.49
N LYS A 73 9.69 -13.21 8.73
CA LYS A 73 10.27 -13.28 10.09
C LYS A 73 10.77 -11.88 10.48
N LEU A 74 10.19 -11.27 11.52
CA LEU A 74 10.69 -9.98 12.02
C LEU A 74 12.07 -10.19 12.67
N SER A 75 12.99 -9.27 12.39
CA SER A 75 14.36 -9.25 13.00
C SER A 75 14.31 -8.55 14.36
N ARG A 76 14.48 -9.31 15.46
CA ARG A 76 14.56 -8.80 16.86
C ARG A 76 13.51 -7.71 17.09
N PRO A 77 12.20 -8.04 16.93
CA PRO A 77 11.13 -7.04 16.99
C PRO A 77 11.00 -6.29 18.34
N PHE A 78 11.59 -6.80 19.42
CA PHE A 78 11.45 -6.26 20.79
C PHE A 78 12.80 -5.78 21.35
N GLN A 79 13.70 -5.33 20.49
CA GLN A 79 15.05 -4.86 20.92
C GLN A 79 14.94 -3.46 21.53
N SER A 80 13.91 -2.71 21.16
CA SER A 80 13.72 -1.28 21.51
C SER A 80 12.24 -0.95 21.56
N ILE A 81 11.90 0.19 22.16
CA ILE A 81 10.51 0.72 22.11
C ILE A 81 10.10 0.91 20.64
N ILE A 82 10.95 1.57 19.84
CA ILE A 82 10.63 1.89 18.42
C ILE A 82 10.28 0.59 17.68
N HIS A 83 11.08 -0.45 17.81
CA HIS A 83 10.84 -1.75 17.14
C HIS A 83 9.59 -2.44 17.74
N ALA A 84 9.49 -2.51 19.06
CA ALA A 84 8.36 -3.20 19.71
C ALA A 84 7.05 -2.54 19.27
N LYS A 85 6.97 -1.22 19.32
CA LYS A 85 5.74 -0.49 18.95
C LYS A 85 5.46 -0.69 17.46
N ARG A 86 6.51 -0.68 16.66
CA ARG A 86 6.39 -0.83 15.19
C ARG A 86 5.80 -2.21 14.91
N THR A 87 6.27 -3.23 15.63
CA THR A 87 5.78 -4.63 15.49
C THR A 87 4.30 -4.65 15.86
N TYR A 88 3.94 -4.02 16.98
CA TYR A 88 2.54 -3.98 17.44
C TYR A 88 1.69 -3.27 16.37
N ARG A 89 2.18 -2.12 15.88
CA ARG A 89 1.50 -1.33 14.83
C ARG A 89 1.18 -2.21 13.62
N GLU A 90 2.16 -2.99 13.17
CA GLU A 90 1.99 -3.75 11.92
C GLU A 90 0.92 -4.84 12.15
N LEU A 91 1.01 -5.49 13.28
CA LEU A 91 0.11 -6.62 13.59
C LEU A 91 -1.30 -6.07 13.71
N ARG A 92 -1.48 -4.95 14.42
CA ARG A 92 -2.83 -4.35 14.58
C ARG A 92 -3.39 -4.01 13.20
N LEU A 93 -2.56 -3.41 12.33
CA LEU A 93 -3.00 -2.98 10.99
C LEU A 93 -3.39 -4.18 10.12
N LEU A 94 -2.53 -5.20 10.02
CA LEU A 94 -2.82 -6.38 9.16
C LEU A 94 -4.01 -7.16 9.67
N LYS A 95 -4.21 -7.22 10.97
CA LYS A 95 -5.35 -7.95 11.55
C LYS A 95 -6.64 -7.19 11.25
N HIS A 96 -6.59 -5.88 11.12
CA HIS A 96 -7.82 -5.10 10.85
C HIS A 96 -8.29 -5.28 9.40
N MET A 97 -7.37 -5.34 8.43
CA MET A 97 -7.70 -5.11 7.00
C MET A 97 -8.21 -6.38 6.31
N LYS A 98 -9.49 -6.35 5.93
CA LYS A 98 -10.24 -7.49 5.37
C LYS A 98 -11.00 -7.01 4.11
N HIS A 99 -10.30 -7.01 2.98
CA HIS A 99 -10.77 -6.49 1.68
C HIS A 99 -10.01 -7.19 0.56
N GLU A 100 -10.71 -7.59 -0.50
CA GLU A 100 -10.17 -8.26 -1.72
C GLU A 100 -9.02 -7.45 -2.35
N ASN A 101 -8.97 -6.13 -2.20
CA ASN A 101 -7.93 -5.30 -2.89
C ASN A 101 -6.84 -4.86 -1.92
N VAL A 102 -6.77 -5.47 -0.73
CA VAL A 102 -5.80 -5.08 0.34
C VAL A 102 -5.17 -6.35 0.94
N ILE A 103 -3.86 -6.30 1.18
CA ILE A 103 -3.10 -7.31 1.94
C ILE A 103 -3.87 -7.66 3.20
N GLY A 104 -4.09 -8.94 3.47
CA GLY A 104 -4.70 -9.41 4.73
C GLY A 104 -3.76 -10.30 5.51
N LEU A 105 -3.99 -10.48 6.81
CA LEU A 105 -3.14 -11.43 7.58
C LEU A 105 -3.70 -12.84 7.42
N LEU A 106 -3.01 -13.70 6.69
CA LEU A 106 -3.41 -15.12 6.52
C LEU A 106 -3.11 -15.89 7.81
N ASP A 107 -1.98 -15.62 8.44
CA ASP A 107 -1.54 -16.26 9.69
C ASP A 107 -0.50 -15.36 10.35
N VAL A 108 -0.37 -15.52 11.65
CA VAL A 108 0.77 -14.98 12.45
C VAL A 108 1.05 -16.04 13.50
N PHE A 109 2.32 -16.39 13.70
CA PHE A 109 2.70 -17.43 14.69
C PHE A 109 4.04 -17.07 15.34
N THR A 110 4.25 -17.69 16.50
CA THR A 110 5.56 -17.76 17.17
C THR A 110 5.78 -19.19 17.62
N PRO A 111 7.03 -19.70 17.60
CA PRO A 111 7.36 -20.96 18.29
C PRO A 111 7.16 -20.93 19.81
N ALA A 112 7.10 -19.72 20.39
CA ALA A 112 6.97 -19.48 21.84
C ALA A 112 5.68 -20.12 22.35
N ARG A 113 5.80 -20.81 23.49
CA ARG A 113 4.67 -21.39 24.25
C ARG A 113 4.26 -20.43 25.36
N SER A 114 5.05 -19.40 25.65
CA SER A 114 4.72 -18.36 26.67
C SER A 114 5.27 -16.99 26.31
N LEU A 115 4.82 -15.98 27.05
CA LEU A 115 5.31 -14.60 26.94
C LEU A 115 6.81 -14.57 27.27
N GLU A 116 7.24 -15.35 28.25
CA GLU A 116 8.65 -15.32 28.71
C GLU A 116 9.55 -15.76 27.56
N GLU A 117 9.11 -16.70 26.71
CA GLU A 117 10.00 -17.20 25.63
C GLU A 117 9.66 -16.54 24.27
N PHE A 118 8.64 -15.69 24.22
CA PHE A 118 8.25 -14.92 23.01
C PHE A 118 9.35 -13.93 22.62
N ASN A 119 10.08 -14.20 21.55
CA ASN A 119 11.09 -13.28 20.96
C ASN A 119 10.90 -13.10 19.44
N ASP A 120 10.19 -14.01 18.77
CA ASP A 120 10.14 -14.00 17.29
C ASP A 120 8.68 -13.95 16.86
N VAL A 121 8.41 -13.21 15.79
CA VAL A 121 7.08 -13.00 15.18
C VAL A 121 7.21 -13.29 13.69
N TYR A 122 6.37 -14.16 13.17
CA TYR A 122 6.26 -14.48 11.74
C TYR A 122 4.87 -14.06 11.27
N LEU A 123 4.82 -13.30 10.17
CA LEU A 123 3.58 -12.82 9.53
C LEU A 123 3.46 -13.49 8.18
N VAL A 124 2.29 -14.06 7.88
CA VAL A 124 2.01 -14.79 6.62
C VAL A 124 0.96 -13.98 5.88
N THR A 125 1.30 -13.58 4.66
CA THR A 125 0.49 -12.63 3.84
C THR A 125 0.53 -13.09 2.39
N HIS A 126 -0.30 -12.48 1.56
CA HIS A 126 -0.37 -12.73 0.09
C HIS A 126 1.03 -12.64 -0.53
N LEU A 127 1.44 -13.68 -1.26
CA LEU A 127 2.74 -13.68 -1.97
C LEU A 127 2.65 -12.71 -3.14
N MET A 128 3.67 -11.85 -3.27
CA MET A 128 3.85 -10.94 -4.44
C MET A 128 4.24 -11.77 -5.68
N GLY A 129 3.27 -12.35 -6.38
CA GLY A 129 3.57 -13.13 -7.62
C GLY A 129 4.13 -12.22 -8.71
N ALA A 130 3.46 -11.10 -8.98
CA ALA A 130 3.94 -10.03 -9.86
C ALA A 130 3.47 -8.70 -9.30
N ASP A 131 4.31 -7.67 -9.41
CA ASP A 131 3.88 -6.28 -9.10
C ASP A 131 3.42 -5.64 -10.42
N LEU A 132 2.92 -4.39 -10.35
CA LEU A 132 2.39 -3.68 -11.53
C LEU A 132 3.52 -3.46 -12.55
N ASN A 133 4.76 -3.26 -12.11
CA ASN A 133 5.92 -3.14 -13.04
C ASN A 133 6.10 -4.44 -13.85
N ASN A 134 5.99 -5.62 -13.23
CA ASN A 134 6.15 -6.90 -13.97
C ASN A 134 5.10 -6.95 -15.09
N ILE A 135 3.88 -6.49 -14.81
CA ILE A 135 2.79 -6.55 -15.79
C ILE A 135 3.15 -5.63 -16.97
N VAL A 136 3.56 -4.40 -16.70
CA VAL A 136 3.91 -3.41 -17.75
C VAL A 136 5.09 -3.97 -18.58
N LYS A 137 6.01 -4.66 -17.91
CA LYS A 137 7.21 -5.23 -18.57
C LYS A 137 6.79 -6.21 -19.68
N CYS A 138 5.79 -7.05 -19.47
CA CYS A 138 5.58 -8.25 -20.33
C CYS A 138 4.44 -8.05 -21.33
N GLN A 139 3.69 -6.94 -21.30
CA GLN A 139 2.60 -6.68 -22.27
C GLN A 139 2.17 -5.22 -22.26
N LYS A 140 1.44 -4.82 -23.29
CA LYS A 140 0.81 -3.51 -23.37
C LYS A 140 -0.58 -3.63 -22.75
N LEU A 141 -0.86 -2.89 -21.69
CA LEU A 141 -2.20 -2.87 -21.09
C LEU A 141 -3.18 -2.21 -22.08
N THR A 142 -4.39 -2.75 -22.19
CA THR A 142 -5.53 -2.05 -22.86
C THR A 142 -6.10 -0.97 -21.92
N ASP A 143 -6.89 -0.04 -22.46
CA ASP A 143 -7.68 0.93 -21.66
C ASP A 143 -8.52 0.16 -20.63
N ASP A 144 -9.04 -1.01 -20.98
CA ASP A 144 -9.85 -1.85 -20.06
C ASP A 144 -8.99 -2.32 -18.87
N HIS A 145 -7.78 -2.84 -19.13
CA HIS A 145 -6.80 -3.20 -18.06
C HIS A 145 -6.58 -2.00 -17.16
N VAL A 146 -6.42 -0.81 -17.73
CA VAL A 146 -6.06 0.38 -16.90
C VAL A 146 -7.27 0.76 -16.05
N GLN A 147 -8.46 0.81 -16.63
CA GLN A 147 -9.73 1.06 -15.87
C GLN A 147 -9.80 0.09 -14.69
N PHE A 148 -9.67 -1.21 -14.94
CA PHE A 148 -9.83 -2.24 -13.89
C PHE A 148 -8.72 -2.15 -12.83
N LEU A 149 -7.48 -1.93 -13.23
CA LEU A 149 -6.36 -1.79 -12.27
C LEU A 149 -6.63 -0.57 -11.38
N ILE A 150 -6.92 0.60 -11.98
CA ILE A 150 -7.10 1.82 -11.16
C ILE A 150 -8.38 1.64 -10.33
N TYR A 151 -9.43 1.01 -10.87
CA TYR A 151 -10.69 0.78 -10.13
C TYR A 151 -10.36 0.05 -8.82
N GLN A 152 -9.58 -1.04 -8.90
CA GLN A 152 -9.28 -1.90 -7.73
C GLN A 152 -8.43 -1.12 -6.74
N ILE A 153 -7.49 -0.30 -7.21
CA ILE A 153 -6.67 0.51 -6.28
C ILE A 153 -7.64 1.38 -5.48
N LEU A 154 -8.54 2.06 -6.17
CA LEU A 154 -9.46 3.06 -5.54
C LEU A 154 -10.45 2.34 -4.63
N ARG A 155 -10.85 1.14 -5.00
CA ARG A 155 -11.76 0.32 -4.19
C ARG A 155 -11.05 -0.05 -2.87
N GLY A 156 -9.81 -0.54 -2.93
CA GLY A 156 -8.98 -0.75 -1.71
C GLY A 156 -8.82 0.55 -0.91
N LEU A 157 -8.59 1.68 -1.57
CA LEU A 157 -8.32 2.94 -0.86
C LEU A 157 -9.59 3.41 -0.18
N LYS A 158 -10.75 3.22 -0.80
CA LYS A 158 -12.01 3.63 -0.17
C LYS A 158 -12.11 2.93 1.20
N TYR A 159 -11.87 1.62 1.20
CA TYR A 159 -11.85 0.76 2.41
C TYR A 159 -10.85 1.31 3.42
N ILE A 160 -9.54 1.41 3.11
CA ILE A 160 -8.54 1.82 4.15
C ILE A 160 -8.81 3.25 4.61
N HIS A 161 -9.13 4.18 3.71
CA HIS A 161 -9.36 5.60 4.07
C HIS A 161 -10.56 5.68 4.99
N SER A 162 -11.56 4.82 4.82
CA SER A 162 -12.78 4.81 5.67
C SER A 162 -12.42 4.45 7.12
N ALA A 163 -11.32 3.72 7.35
CA ALA A 163 -10.78 3.43 8.71
C ALA A 163 -9.72 4.47 9.13
N ASP A 164 -9.56 5.57 8.39
CA ASP A 164 -8.52 6.59 8.65
C ASP A 164 -7.16 5.94 8.68
N ILE A 165 -6.97 4.97 7.79
CA ILE A 165 -5.62 4.42 7.50
C ILE A 165 -5.13 5.13 6.23
N ILE A 166 -3.87 5.54 6.23
CA ILE A 166 -3.21 6.14 5.05
C ILE A 166 -2.09 5.19 4.68
N HIS A 167 -2.01 4.78 3.42
CA HIS A 167 -0.92 3.88 2.96
C HIS A 167 0.43 4.59 3.07
N ARG A 168 0.49 5.80 2.50
CA ARG A 168 1.65 6.75 2.55
C ARG A 168 2.69 6.43 1.46
N ASP A 169 2.72 5.21 0.91
CA ASP A 169 3.78 4.87 -0.05
C ASP A 169 3.26 4.02 -1.21
N LEU A 170 2.15 4.45 -1.84
CA LEU A 170 1.60 3.79 -3.03
C LEU A 170 2.56 3.97 -4.18
N LYS A 171 2.88 2.87 -4.88
CA LYS A 171 3.74 2.91 -6.06
C LYS A 171 3.64 1.54 -6.70
N PRO A 172 4.03 1.38 -7.98
CA PRO A 172 3.76 0.13 -8.67
C PRO A 172 4.35 -1.10 -7.96
N SER A 173 5.49 -0.96 -7.28
CA SER A 173 6.20 -2.09 -6.62
C SER A 173 5.44 -2.57 -5.36
N ASN A 174 4.44 -1.82 -4.89
CA ASN A 174 3.60 -2.20 -3.73
C ASN A 174 2.22 -2.60 -4.22
N LEU A 175 2.04 -2.88 -5.52
CA LEU A 175 0.74 -3.38 -6.03
C LEU A 175 0.96 -4.76 -6.62
N ALA A 176 0.36 -5.79 -6.01
CA ALA A 176 0.43 -7.18 -6.51
C ALA A 176 -0.66 -7.33 -7.56
N VAL A 177 -0.36 -8.01 -8.65
CA VAL A 177 -1.33 -8.26 -9.75
C VAL A 177 -1.17 -9.74 -10.15
N ASN A 178 -2.28 -10.45 -10.28
CA ASN A 178 -2.24 -11.87 -10.74
C ASN A 178 -2.60 -11.90 -12.23
N GLU A 179 -2.68 -13.09 -12.79
CA GLU A 179 -2.88 -13.25 -14.25
C GLU A 179 -4.33 -12.87 -14.60
N ASP A 180 -5.24 -12.80 -13.63
CA ASP A 180 -6.62 -12.34 -13.90
C ASP A 180 -6.70 -10.83 -13.78
N CYS A 181 -5.55 -10.13 -13.63
CA CYS A 181 -5.48 -8.65 -13.53
C CYS A 181 -6.15 -8.22 -12.22
N GLU A 182 -6.19 -9.11 -11.22
CA GLU A 182 -6.71 -8.80 -9.86
C GLU A 182 -5.59 -8.16 -9.09
N LEU A 183 -5.89 -7.15 -8.28
CA LEU A 183 -4.84 -6.29 -7.66
C LEU A 183 -5.04 -6.27 -6.15
N LYS A 184 -3.93 -6.25 -5.43
CA LYS A 184 -3.93 -6.05 -3.96
C LYS A 184 -2.94 -4.95 -3.58
N ILE A 185 -3.32 -4.09 -2.65
CA ILE A 185 -2.39 -3.09 -2.09
C ILE A 185 -1.57 -3.77 -1.00
N LEU A 186 -0.25 -3.76 -1.14
CA LEU A 186 0.70 -4.40 -0.21
C LEU A 186 1.56 -3.34 0.46
N ASP A 187 2.34 -3.79 1.45
CA ASP A 187 3.49 -3.06 2.06
C ASP A 187 3.08 -1.65 2.50
N PHE A 188 2.20 -1.52 3.48
CA PHE A 188 1.83 -0.21 4.06
C PHE A 188 3.03 0.45 4.75
N GLY A 189 3.11 1.79 4.72
CA GLY A 189 4.08 2.58 5.51
C GLY A 189 3.87 2.35 7.00
N LEU A 190 4.91 1.93 7.73
CA LEU A 190 4.79 1.61 9.18
C LEU A 190 5.65 2.54 10.05
N ALA A 191 6.31 3.52 9.44
CA ALA A 191 7.18 4.49 10.15
C ALA A 191 6.33 5.67 10.65
N ARG A 192 6.59 6.15 11.88
CA ARG A 192 5.97 7.39 12.45
C ARG A 192 7.07 8.38 12.87
N THR A 204 12.32 5.78 -3.81
CA THR A 204 11.85 6.55 -5.00
C THR A 204 10.65 7.42 -4.60
N ARG A 205 10.77 8.71 -4.92
CA ARG A 205 9.85 9.80 -4.51
C ARG A 205 8.85 10.11 -5.63
N TRP A 206 8.99 9.43 -6.78
CA TRP A 206 8.26 9.77 -8.04
C TRP A 206 6.72 9.81 -7.83
N TYR A 207 6.19 9.15 -6.79
CA TYR A 207 4.74 8.90 -6.59
C TYR A 207 4.29 9.64 -5.35
N ARG A 208 5.18 10.40 -4.70
CA ARG A 208 4.89 11.07 -3.41
C ARG A 208 4.28 12.44 -3.66
N ALA A 209 3.25 12.77 -2.91
CA ALA A 209 2.59 14.08 -2.88
C ALA A 209 3.63 15.14 -2.52
N PRO A 210 3.57 16.34 -3.11
CA PRO A 210 4.58 17.36 -2.85
C PRO A 210 4.58 17.80 -1.36
N GLU A 211 3.39 17.87 -0.77
CA GLU A 211 3.20 18.41 0.60
C GLU A 211 3.91 17.50 1.61
N ILE A 212 4.12 16.22 1.28
CA ILE A 212 4.82 15.32 2.24
C ILE A 212 6.28 15.17 1.82
N MET A 213 6.58 15.27 0.54
CA MET A 213 7.98 15.13 0.05
C MET A 213 8.85 16.21 0.71
N LEU A 214 8.32 17.42 0.89
CA LEU A 214 9.03 18.56 1.52
C LEU A 214 8.44 18.88 2.89
N ASN A 215 7.55 18.04 3.41
CA ASN A 215 7.12 18.19 4.81
C ASN A 215 6.37 19.52 4.96
N TRP A 216 5.58 19.93 3.97
CA TRP A 216 4.84 21.20 4.00
C TRP A 216 3.74 21.17 5.07
N MET A 217 3.14 20.00 5.31
CA MET A 217 2.00 19.89 6.27
C MET A 217 1.77 18.41 6.62
N HIS A 218 0.83 18.14 7.53
CA HIS A 218 0.47 16.77 7.97
C HIS A 218 -0.06 15.95 6.78
N TYR A 219 0.37 14.69 6.65
CA TYR A 219 -0.32 13.61 5.91
C TYR A 219 -1.84 13.75 6.05
N ASN A 220 -2.58 13.95 4.96
CA ASN A 220 -4.00 13.52 4.88
C ASN A 220 -4.08 12.36 3.88
N GLN A 221 -5.21 11.66 3.91
CA GLN A 221 -5.38 10.39 3.17
C GLN A 221 -5.30 10.70 1.65
N THR A 222 -5.52 11.95 1.22
CA THR A 222 -5.48 12.32 -0.21
C THR A 222 -4.04 12.33 -0.73
N VAL A 223 -3.01 12.14 0.12
CA VAL A 223 -1.63 11.85 -0.40
C VAL A 223 -1.67 10.57 -1.25
N ASP A 224 -2.46 9.58 -0.83
CA ASP A 224 -2.63 8.33 -1.58
C ASP A 224 -3.25 8.64 -2.94
N ILE A 225 -4.17 9.60 -3.02
CA ILE A 225 -4.86 9.89 -4.32
C ILE A 225 -3.84 10.45 -5.32
N TRP A 226 -2.92 11.29 -4.85
CA TRP A 226 -1.80 11.85 -5.65
C TRP A 226 -1.04 10.68 -6.26
N SER A 227 -0.67 9.73 -5.42
CA SER A 227 0.08 8.52 -5.85
C SER A 227 -0.71 7.78 -6.95
N VAL A 228 -2.01 7.53 -6.78
CA VAL A 228 -2.83 6.85 -7.83
C VAL A 228 -2.78 7.64 -9.13
N GLY A 229 -2.87 8.97 -9.06
CA GLY A 229 -2.74 9.83 -10.25
C GLY A 229 -1.41 9.63 -10.97
N CYS A 230 -0.33 9.57 -10.22
CA CYS A 230 1.02 9.37 -10.81
C CYS A 230 1.08 8.01 -11.48
N ILE A 231 0.51 6.99 -10.84
CA ILE A 231 0.52 5.59 -11.36
C ILE A 231 -0.32 5.51 -12.64
N MET A 232 -1.52 6.06 -12.61
CA MET A 232 -2.45 6.00 -13.77
C MET A 232 -1.81 6.71 -14.96
N ALA A 233 -1.25 7.90 -14.78
CA ALA A 233 -0.64 8.64 -15.90
C ALA A 233 0.37 7.75 -16.63
N GLU A 234 1.31 7.19 -15.88
CA GLU A 234 2.39 6.27 -16.34
C GLU A 234 1.78 5.05 -17.04
N LEU A 235 0.71 4.44 -16.53
CA LEU A 235 0.08 3.25 -17.18
C LEU A 235 -0.54 3.67 -18.52
N LEU A 236 -1.09 4.89 -18.59
CA LEU A 236 -1.69 5.43 -19.86
C LEU A 236 -0.60 5.71 -20.89
N THR A 237 0.54 6.28 -20.50
CA THR A 237 1.50 6.87 -21.46
C THR A 237 2.70 5.96 -21.68
N GLY A 238 3.05 5.14 -20.70
CA GLY A 238 4.24 4.30 -20.75
C GLY A 238 5.44 5.04 -20.20
N ARG A 239 5.24 6.21 -19.59
CA ARG A 239 6.34 7.11 -19.15
C ARG A 239 6.09 7.50 -17.69
N THR A 240 7.08 7.43 -16.82
CA THR A 240 6.96 8.00 -15.45
C THR A 240 6.59 9.49 -15.57
N LEU A 241 5.66 9.95 -14.75
CA LEU A 241 5.09 11.30 -14.94
C LEU A 241 6.12 12.31 -14.45
N PHE A 242 6.66 12.10 -13.25
CA PHE A 242 7.54 13.06 -12.54
C PHE A 242 8.84 12.38 -12.12
N PRO A 243 9.71 11.92 -13.04
CA PRO A 243 10.91 11.16 -12.66
C PRO A 243 12.09 12.06 -12.26
N GLY A 244 11.88 12.85 -11.22
CA GLY A 244 12.87 13.81 -10.70
C GLY A 244 14.02 13.09 -10.02
N THR A 245 15.17 13.74 -9.87
CA THR A 245 16.41 13.12 -9.32
C THR A 245 16.63 13.53 -7.89
N ASP A 246 16.15 14.70 -7.46
CA ASP A 246 16.17 15.12 -6.04
C ASP A 246 14.88 15.87 -5.75
N HIS A 247 14.67 16.30 -4.52
CA HIS A 247 13.38 16.90 -4.09
C HIS A 247 13.08 18.16 -4.92
N ILE A 248 14.12 18.94 -5.29
CA ILE A 248 13.93 20.25 -5.94
C ILE A 248 13.49 20.03 -7.39
N ASP A 249 14.28 19.24 -8.14
CA ASP A 249 14.00 18.82 -9.53
C ASP A 249 12.59 18.20 -9.58
N GLN A 250 12.25 17.32 -8.64
CA GLN A 250 10.92 16.68 -8.52
C GLN A 250 9.86 17.76 -8.35
N LEU A 251 10.05 18.68 -7.40
CA LEU A 251 9.02 19.70 -7.14
C LEU A 251 8.84 20.58 -8.40
N LYS A 252 9.91 20.88 -9.12
CA LYS A 252 9.77 21.78 -10.27
C LYS A 252 9.00 21.05 -11.38
N LEU A 253 9.25 19.75 -11.56
CA LEU A 253 8.51 19.00 -12.59
C LEU A 253 7.02 19.03 -12.23
N ILE A 254 6.71 18.80 -10.95
CA ILE A 254 5.30 18.78 -10.51
C ILE A 254 4.68 20.16 -10.76
N LEU A 255 5.33 21.23 -10.31
CA LEU A 255 4.73 22.59 -10.36
C LEU A 255 4.61 23.04 -11.83
N ARG A 256 5.45 22.51 -12.72
CA ARG A 256 5.35 22.80 -14.16
C ARG A 256 4.02 22.28 -14.70
N LEU A 257 3.49 21.16 -14.19
CA LEU A 257 2.23 20.56 -14.70
C LEU A 257 1.04 21.17 -13.98
N VAL A 258 1.08 21.28 -12.66
CA VAL A 258 -0.14 21.60 -11.86
C VAL A 258 -0.16 23.08 -11.48
N GLY A 259 0.88 23.86 -11.79
CA GLY A 259 0.95 25.29 -11.44
C GLY A 259 1.50 25.52 -10.04
N THR A 260 2.09 26.70 -9.80
CA THR A 260 2.64 27.06 -8.46
C THR A 260 1.49 27.23 -7.48
N PRO A 261 1.69 27.00 -6.17
CA PRO A 261 0.63 27.18 -5.18
C PRO A 261 0.01 28.58 -5.21
N GLY A 262 -1.32 28.62 -5.17
CA GLY A 262 -2.11 29.85 -4.96
C GLY A 262 -2.06 30.27 -3.52
N ALA A 263 -2.33 31.55 -3.26
CA ALA A 263 -2.39 32.18 -1.91
C ALA A 263 -3.13 31.28 -0.91
N GLU A 264 -4.27 30.67 -1.28
CA GLU A 264 -5.11 29.82 -0.38
C GLU A 264 -4.31 28.62 0.13
N LEU A 265 -3.57 27.93 -0.75
CA LEU A 265 -2.69 26.78 -0.37
C LEU A 265 -1.52 27.26 0.51
N LEU A 266 -0.92 28.42 0.19
CA LEU A 266 0.23 29.00 0.95
C LEU A 266 -0.14 29.20 2.42
N LYS A 267 -1.37 29.61 2.72
CA LYS A 267 -1.86 29.79 4.11
C LYS A 267 -1.75 28.47 4.87
N LYS A 268 -1.88 27.33 4.20
CA LYS A 268 -2.04 26.01 4.88
C LYS A 268 -0.68 25.35 5.11
N ILE A 269 0.40 25.96 4.62
CA ILE A 269 1.79 25.45 4.78
C ILE A 269 2.41 26.03 6.05
N SER A 270 2.71 25.18 7.03
CA SER A 270 3.12 25.50 8.42
C SER A 270 4.51 26.16 8.50
N SER A 271 5.49 25.64 7.76
CA SER A 271 6.88 26.15 7.74
C SER A 271 6.93 27.54 7.08
N GLU A 272 7.56 28.54 7.69
CA GLU A 272 7.80 29.85 7.04
C GLU A 272 8.86 29.67 5.95
N SER A 273 9.86 28.80 6.16
CA SER A 273 10.98 28.59 5.21
C SER A 273 10.42 28.01 3.92
N ALA A 274 9.54 27.01 4.01
CA ALA A 274 8.92 26.33 2.85
C ALA A 274 8.06 27.36 2.10
N ARG A 275 7.29 28.14 2.84
CA ARG A 275 6.44 29.24 2.32
C ARG A 275 7.34 30.25 1.58
N ASN A 276 8.43 30.67 2.21
CA ASN A 276 9.41 31.62 1.62
C ASN A 276 9.96 31.03 0.34
N TYR A 277 10.32 29.75 0.37
CA TYR A 277 10.93 29.07 -0.80
C TYR A 277 9.91 29.10 -1.96
N ILE A 278 8.65 28.73 -1.69
CA ILE A 278 7.60 28.66 -2.73
C ILE A 278 7.39 30.05 -3.34
N GLN A 279 7.31 31.09 -2.51
CA GLN A 279 7.18 32.50 -2.95
C GLN A 279 8.36 32.91 -3.83
N SER A 280 9.52 32.31 -3.61
CA SER A 280 10.73 32.60 -4.42
C SER A 280 10.58 32.12 -5.86
N LEU A 281 9.65 31.19 -6.13
CA LEU A 281 9.55 30.54 -7.47
C LEU A 281 8.78 31.46 -8.41
N ALA A 282 9.25 31.57 -9.66
CA ALA A 282 8.45 32.15 -10.77
C ALA A 282 7.07 31.47 -10.77
N GLN A 283 6.00 32.25 -10.56
CA GLN A 283 4.59 31.80 -10.64
C GLN A 283 4.41 31.13 -12.00
N MET A 284 3.77 29.96 -12.03
CA MET A 284 3.51 29.20 -13.27
C MET A 284 2.03 28.86 -13.32
N PRO A 285 1.42 28.85 -14.53
CA PRO A 285 0.03 28.44 -14.65
C PRO A 285 -0.04 26.91 -14.66
N LYS A 286 -1.11 26.36 -14.10
CA LYS A 286 -1.56 24.98 -14.39
C LYS A 286 -1.55 24.76 -15.90
N MET A 287 -1.06 23.62 -16.35
CA MET A 287 -1.11 23.26 -17.79
C MET A 287 -2.49 22.65 -18.13
N ASN A 288 -2.84 22.70 -19.41
CA ASN A 288 -3.99 21.97 -19.97
C ASN A 288 -3.55 20.51 -20.10
N PHE A 289 -4.15 19.58 -19.36
CA PHE A 289 -3.72 18.15 -19.35
C PHE A 289 -4.01 17.51 -20.71
N ALA A 290 -5.08 17.90 -21.38
CA ALA A 290 -5.50 17.24 -22.63
C ALA A 290 -4.33 17.28 -23.63
N ASN A 291 -3.53 18.34 -23.58
CA ASN A 291 -2.35 18.55 -24.47
C ASN A 291 -1.13 17.75 -23.99
N VAL A 292 -1.14 17.22 -22.78
CA VAL A 292 -0.02 16.39 -22.23
C VAL A 292 -0.35 14.92 -22.49
N PHE A 293 -1.63 14.58 -22.74
CA PHE A 293 -2.15 13.19 -22.83
C PHE A 293 -3.00 12.99 -24.08
N ILE A 294 -2.62 13.57 -25.21
CA ILE A 294 -3.41 13.36 -26.46
C ILE A 294 -3.52 11.87 -26.73
N GLY A 295 -4.72 11.42 -27.10
CA GLY A 295 -5.03 10.04 -27.53
C GLY A 295 -5.39 9.13 -26.38
N ALA A 296 -5.23 9.59 -25.12
CA ALA A 296 -5.74 8.86 -23.94
C ALA A 296 -7.28 9.04 -23.89
N ASN A 297 -7.99 8.04 -23.42
CA ASN A 297 -9.43 8.19 -23.09
C ASN A 297 -9.63 9.52 -22.36
N PRO A 298 -10.46 10.45 -22.89
CA PRO A 298 -10.66 11.75 -22.25
C PRO A 298 -11.29 11.64 -20.85
N LEU A 299 -12.01 10.57 -20.54
CA LEU A 299 -12.54 10.38 -19.16
C LEU A 299 -11.36 10.06 -18.23
N ALA A 300 -10.39 9.26 -18.66
CA ALA A 300 -9.12 9.01 -17.92
C ALA A 300 -8.41 10.33 -17.66
N VAL A 301 -8.27 11.17 -18.66
CA VAL A 301 -7.54 12.46 -18.48
C VAL A 301 -8.34 13.30 -17.48
N ASP A 302 -9.66 13.30 -17.59
CA ASP A 302 -10.51 14.10 -16.68
C ASP A 302 -10.25 13.66 -15.23
N LEU A 303 -10.24 12.35 -15.01
CA LEU A 303 -10.00 11.79 -13.66
C LEU A 303 -8.58 12.17 -13.20
N LEU A 304 -7.59 12.04 -14.08
CA LEU A 304 -6.21 12.48 -13.75
C LEU A 304 -6.20 13.94 -13.28
N GLU A 305 -6.86 14.85 -13.99
CA GLU A 305 -7.00 16.28 -13.59
C GLU A 305 -7.49 16.35 -12.13
N LYS A 306 -8.45 15.51 -11.75
CA LYS A 306 -9.13 15.60 -10.43
C LYS A 306 -8.25 15.00 -9.34
N MET A 307 -7.28 14.15 -9.70
CA MET A 307 -6.40 13.45 -8.73
C MET A 307 -5.14 14.29 -8.48
N LEU A 308 -4.63 14.94 -9.49
CA LEU A 308 -3.32 15.64 -9.43
C LEU A 308 -3.55 17.14 -9.23
N VAL A 309 -4.33 17.49 -8.24
CA VAL A 309 -4.57 18.89 -7.83
C VAL A 309 -3.56 19.20 -6.74
N LEU A 310 -2.90 20.34 -6.80
CA LEU A 310 -1.79 20.64 -5.87
C LEU A 310 -2.37 20.73 -4.47
N ASP A 311 -3.53 21.36 -4.31
CA ASP A 311 -4.17 21.55 -3.00
C ASP A 311 -4.83 20.22 -2.60
N SER A 312 -4.24 19.53 -1.63
CA SER A 312 -4.70 18.20 -1.16
C SER A 312 -6.18 18.26 -0.76
N ASP A 313 -6.68 19.39 -0.28
CA ASP A 313 -8.11 19.52 0.10
C ASP A 313 -9.04 19.41 -1.12
N LYS A 314 -8.55 19.63 -2.32
CA LYS A 314 -9.40 19.75 -3.54
C LYS A 314 -9.25 18.50 -4.41
N ARG A 315 -8.35 17.58 -4.06
CA ARG A 315 -8.26 16.32 -4.83
C ARG A 315 -9.54 15.49 -4.63
N ILE A 316 -9.99 14.81 -5.67
CA ILE A 316 -11.07 13.79 -5.54
C ILE A 316 -10.67 12.75 -4.47
N THR A 317 -11.61 12.30 -3.66
CA THR A 317 -11.44 11.21 -2.67
C THR A 317 -11.60 9.87 -3.40
N ALA A 318 -11.16 8.78 -2.78
CA ALA A 318 -11.34 7.43 -3.36
C ALA A 318 -12.80 7.18 -3.69
N ALA A 319 -13.71 7.43 -2.74
CA ALA A 319 -15.16 7.16 -2.92
C ALA A 319 -15.74 7.93 -4.12
N GLN A 320 -15.49 9.23 -4.22
CA GLN A 320 -15.90 10.08 -5.37
C GLN A 320 -15.31 9.48 -6.65
N ALA A 321 -14.02 9.12 -6.64
CA ALA A 321 -13.31 8.63 -7.84
C ALA A 321 -14.01 7.38 -8.38
N LEU A 322 -14.51 6.52 -7.50
CA LEU A 322 -15.18 5.25 -7.91
C LEU A 322 -16.44 5.55 -8.74
N ALA A 323 -17.07 6.71 -8.50
CA ALA A 323 -18.30 7.13 -9.22
C ALA A 323 -17.96 7.84 -10.53
N HIS A 324 -16.69 8.09 -10.85
CA HIS A 324 -16.33 8.80 -12.10
C HIS A 324 -16.71 7.90 -13.30
N ALA A 325 -17.19 8.49 -14.41
CA ALA A 325 -17.65 7.76 -15.60
C ALA A 325 -16.54 6.89 -16.18
N TYR A 326 -15.26 7.25 -15.98
CA TYR A 326 -14.14 6.39 -16.43
C TYR A 326 -14.40 4.93 -16.00
N PHE A 327 -14.94 4.69 -14.80
CA PHE A 327 -15.12 3.32 -14.25
C PHE A 327 -16.55 2.80 -14.44
N ALA A 328 -17.31 3.35 -15.38
CA ALA A 328 -18.76 3.03 -15.51
C ALA A 328 -18.93 1.52 -15.61
N GLN A 329 -18.04 0.85 -16.32
CA GLN A 329 -18.13 -0.61 -16.56
C GLN A 329 -17.94 -1.40 -15.26
N TYR A 330 -17.23 -0.89 -14.25
CA TYR A 330 -16.80 -1.69 -13.07
C TYR A 330 -17.53 -1.25 -11.80
N HIS A 331 -17.98 0.00 -11.76
CA HIS A 331 -18.54 0.64 -10.55
C HIS A 331 -19.79 -0.09 -10.07
N ASP A 332 -19.80 -0.47 -8.79
CA ASP A 332 -21.00 -1.06 -8.15
C ASP A 332 -21.06 -0.53 -6.74
N PRO A 333 -21.96 0.43 -6.48
CA PRO A 333 -22.01 1.07 -5.17
C PRO A 333 -22.35 0.08 -4.05
N ASP A 334 -22.91 -1.09 -4.39
CA ASP A 334 -23.29 -2.12 -3.38
C ASP A 334 -22.14 -3.10 -3.15
N ASP A 335 -21.05 -2.98 -3.92
CA ASP A 335 -19.91 -3.90 -3.70
C ASP A 335 -18.62 -3.07 -3.62
N GLU A 336 -18.66 -1.93 -2.94
CA GLU A 336 -17.47 -1.08 -2.68
C GLU A 336 -17.45 -0.78 -1.18
N PRO A 337 -17.21 -1.82 -0.37
CA PRO A 337 -17.46 -1.72 1.07
C PRO A 337 -16.45 -0.86 1.80
N VAL A 338 -16.89 -0.35 2.95
CA VAL A 338 -16.06 0.40 3.94
C VAL A 338 -15.63 -0.56 5.05
N ALA A 339 -14.75 -0.08 5.93
CA ALA A 339 -14.13 -0.91 6.98
C ALA A 339 -14.81 -0.64 8.32
N ASP A 340 -14.61 -1.54 9.28
CA ASP A 340 -14.85 -1.21 10.71
C ASP A 340 -13.92 -0.07 11.08
N PRO A 341 -14.33 0.80 12.04
CA PRO A 341 -13.46 1.86 12.52
C PRO A 341 -12.26 1.18 13.17
N TYR A 342 -11.12 1.81 13.02
CA TYR A 342 -9.81 1.27 13.46
C TYR A 342 -9.31 2.19 14.56
N ASP A 343 -9.13 1.63 15.76
CA ASP A 343 -8.72 2.40 16.96
C ASP A 343 -7.20 2.53 16.96
N GLN A 344 -6.67 3.73 16.74
CA GLN A 344 -5.21 4.00 16.70
C GLN A 344 -4.77 4.84 17.90
N SER A 345 -5.59 4.88 18.95
CA SER A 345 -5.26 5.60 20.20
C SER A 345 -3.97 5.01 20.80
N PHE A 346 -3.65 3.75 20.54
CA PHE A 346 -2.37 3.15 20.99
C PHE A 346 -1.18 4.00 20.54
N GLU A 347 -1.31 4.76 19.45
CA GLU A 347 -0.16 5.55 18.92
C GLU A 347 0.34 6.55 19.98
N SER A 348 -0.52 7.01 20.89
CA SER A 348 -0.12 8.04 21.89
C SER A 348 0.22 7.39 23.25
N ARG A 349 0.24 6.06 23.32
CA ARG A 349 0.64 5.38 24.57
C ARG A 349 2.16 5.45 24.70
N ASP A 350 2.59 5.61 25.92
CA ASP A 350 4.01 5.67 26.29
C ASP A 350 4.28 4.46 27.19
N LEU A 351 4.80 3.38 26.62
CA LEU A 351 4.92 2.05 27.28
C LEU A 351 6.36 1.53 27.19
N LEU A 352 6.64 0.57 28.04
CA LEU A 352 7.93 -0.17 28.14
C LEU A 352 8.02 -1.15 26.98
N ILE A 353 9.23 -1.50 26.59
CA ILE A 353 9.48 -2.57 25.57
C ILE A 353 8.60 -3.77 25.88
N ASP A 354 8.65 -4.29 27.11
CA ASP A 354 7.97 -5.55 27.51
C ASP A 354 6.44 -5.36 27.50
N GLU A 355 5.96 -4.12 27.66
CA GLU A 355 4.51 -3.82 27.55
C GLU A 355 4.09 -3.87 26.06
N TRP A 356 4.83 -3.23 25.15
CA TRP A 356 4.58 -3.37 23.69
C TRP A 356 4.65 -4.86 23.31
N LYS A 357 5.64 -5.57 23.84
CA LYS A 357 5.86 -7.00 23.55
C LYS A 357 4.63 -7.80 23.98
N SER A 358 4.18 -7.60 25.20
CA SER A 358 3.01 -8.29 25.78
C SER A 358 1.74 -8.00 24.94
N LEU A 359 1.46 -6.74 24.61
CA LEU A 359 0.34 -6.36 23.72
C LEU A 359 0.47 -7.12 22.39
N THR A 360 1.68 -7.19 21.83
CA THR A 360 1.90 -7.89 20.55
C THR A 360 1.52 -9.36 20.71
N TYR A 361 1.97 -9.96 21.82
CA TYR A 361 1.75 -11.38 22.14
C TYR A 361 0.24 -11.64 22.23
N ASP A 362 -0.47 -10.76 22.93
CA ASP A 362 -1.96 -10.86 23.05
C ASP A 362 -2.58 -10.88 21.64
N GLU A 363 -2.10 -10.05 20.71
CA GLU A 363 -2.67 -9.97 19.34
C GLU A 363 -2.34 -11.23 18.57
N VAL A 364 -1.19 -11.85 18.85
CA VAL A 364 -0.87 -13.17 18.24
C VAL A 364 -1.93 -14.15 18.75
N ILE A 365 -2.16 -14.15 20.06
CA ILE A 365 -3.05 -15.12 20.77
C ILE A 365 -4.46 -14.94 20.25
N SER A 366 -4.91 -13.70 20.07
CA SER A 366 -6.33 -13.43 19.74
C SER A 366 -6.59 -13.53 18.24
N PHE A 367 -5.60 -13.95 17.44
CA PHE A 367 -5.68 -14.00 15.96
C PHE A 367 -6.70 -15.07 15.56
N VAL A 368 -7.72 -14.71 14.77
CA VAL A 368 -8.67 -15.68 14.16
C VAL A 368 -8.36 -15.78 12.67
N PRO A 369 -7.92 -16.94 12.15
CA PRO A 369 -7.64 -17.05 10.72
C PRO A 369 -8.85 -16.74 9.87
N PRO A 370 -8.65 -16.30 8.62
CA PRO A 370 -9.76 -16.12 7.68
C PRO A 370 -10.46 -17.45 7.40
N PRO A 371 -11.79 -17.44 7.14
CA PRO A 371 -12.50 -18.66 6.74
C PRO A 371 -11.97 -19.25 5.42
N LEU A 372 -12.09 -20.57 5.23
CA LEU A 372 -11.90 -21.28 3.92
C LEU A 372 -10.39 -21.38 3.64
N ARG B 1 -17.79 -10.60 -8.55
CA ARG B 1 -18.59 -10.10 -9.71
C ARG B 1 -17.74 -9.18 -10.63
N LEU B 2 -16.43 -9.05 -10.39
CA LEU B 2 -15.53 -8.12 -11.15
C LEU B 2 -15.06 -8.75 -12.47
N GLN B 3 -14.79 -10.06 -12.49
CA GLN B 3 -14.31 -10.82 -13.69
C GLN B 3 -15.41 -10.84 -14.77
N GLU B 4 -16.68 -10.92 -14.37
CA GLU B 4 -17.83 -10.90 -15.30
C GLU B 4 -17.88 -9.52 -15.99
N ARG B 5 -17.51 -8.45 -15.27
CA ARG B 5 -17.59 -7.03 -15.75
C ARG B 5 -16.49 -6.71 -16.78
N ARG B 6 -15.39 -7.49 -16.84
CA ARG B 6 -14.20 -7.19 -17.70
C ARG B 6 -14.54 -7.42 -19.19
N GLY B 7 -13.98 -6.57 -20.06
CA GLY B 7 -14.11 -6.68 -21.53
C GLY B 7 -13.48 -7.97 -22.06
N SER B 8 -12.31 -8.36 -21.54
CA SER B 8 -11.56 -9.58 -21.93
C SER B 8 -10.99 -10.30 -20.68
N ASN B 9 -10.86 -11.63 -20.72
CA ASN B 9 -10.34 -12.45 -19.60
C ASN B 9 -9.27 -13.43 -20.13
N VAL B 10 -8.51 -13.03 -21.15
CA VAL B 10 -7.20 -13.65 -21.48
C VAL B 10 -6.23 -13.35 -20.33
N ALA B 11 -5.60 -14.38 -19.80
CA ALA B 11 -4.60 -14.28 -18.71
C ALA B 11 -3.46 -13.32 -19.13
N LEU B 12 -3.04 -12.41 -18.24
CA LEU B 12 -1.79 -11.63 -18.39
C LEU B 12 -0.59 -12.58 -18.17
N MET B 13 0.56 -12.27 -18.75
CA MET B 13 1.84 -12.98 -18.50
C MET B 13 2.56 -12.26 -17.37
N LEU B 14 3.07 -12.99 -16.38
CA LEU B 14 3.57 -12.44 -15.10
C LEU B 14 5.08 -12.27 -15.11
N ASP B 15 5.80 -13.07 -15.91
CA ASP B 15 7.28 -12.95 -15.99
C ASP B 15 7.70 -13.31 -17.40
N CYS B 16 8.75 -12.68 -17.85
CA CYS B 16 9.13 -12.67 -19.29
C CYS B 16 10.59 -12.27 -19.35
#